data_2DC7
#
_entry.id   2DC7
#
_cell.length_a   72.320
_cell.length_b   72.320
_cell.length_c   139.830
_cell.angle_alpha   90.00
_cell.angle_beta   90.00
_cell.angle_gamma   90.00
#
_symmetry.space_group_name_H-M   'P 43 21 2'
#
loop_
_entity.id
_entity.type
_entity.pdbx_description
1 polymer 'CATHEPSIN B'
2 non-polymer 'PHOSPHATE ION'
3 non-polymer N-{[(2S,3S)-3-(ETHOXYCARBONYL)OXIRAN-2-YL]CARBONYL}-L-THREONYL-L-ISOLEUCINE
4 non-polymer GLYCEROL
5 water water
#
_entity_poly.entity_id   1
_entity_poly.type   'polypeptide(L)'
_entity_poly.pdbx_seq_one_letter_code
;LPESFDAREQWPNCPTIKEIRDQGSCGSCWAFGAVEAISDRICIHSNGRVNVEVSAEDMLTCCGGECGDGCNGGFPSGAW
NFWTKKGLVSGGLYNSHVGCRPYSIPPCEHHVNGSRPPCTGEGDTPKCSKTCEPGYSPSYKEDKHFGCSSYSVANNEKEI
MAEIYKNGPVEGAFSVYSDFLLYKSGVYQHVSGEIMGGHAIRILGWGVENGTPYWLVGNSWNTDWGDNGFFKILRGQDHC
GIESEIVAGMPCTHQY
;
_entity_poly.pdbx_strand_id   A
#
# COMPACT_ATOMS: atom_id res chain seq x y z
N LEU A 1 -20.62 0.81 -14.47
CA LEU A 1 -19.96 0.91 -13.13
C LEU A 1 -20.81 1.74 -12.17
N PRO A 2 -20.83 1.34 -10.89
CA PRO A 2 -21.61 2.07 -9.87
C PRO A 2 -21.02 3.44 -9.60
N GLU A 3 -21.84 4.33 -9.04
CA GLU A 3 -21.40 5.69 -8.71
C GLU A 3 -20.36 5.65 -7.59
N SER A 4 -20.49 4.65 -6.72
CA SER A 4 -19.57 4.49 -5.60
C SER A 4 -19.17 3.03 -5.48
N PHE A 5 -18.03 2.79 -4.86
CA PHE A 5 -17.53 1.43 -4.66
C PHE A 5 -16.52 1.42 -3.53
N ASP A 6 -16.72 0.54 -2.56
CA ASP A 6 -15.82 0.42 -1.43
C ASP A 6 -15.44 -1.05 -1.28
N ALA A 7 -14.20 -1.38 -1.66
CA ALA A 7 -13.71 -2.74 -1.60
C ALA A 7 -13.91 -3.37 -0.23
N ARG A 8 -13.91 -2.55 0.82
CA ARG A 8 -14.10 -3.04 2.17
C ARG A 8 -15.48 -3.68 2.36
N GLU A 9 -16.49 -3.07 1.77
CA GLU A 9 -17.87 -3.57 1.85
C GLU A 9 -18.15 -4.68 0.84
N GLN A 10 -17.48 -4.61 -0.32
CA GLN A 10 -17.69 -5.58 -1.38
C GLN A 10 -17.05 -6.95 -1.12
N TRP A 11 -15.95 -6.97 -0.38
CA TRP A 11 -15.27 -8.22 -0.04
C TRP A 11 -15.13 -8.33 1.47
N PRO A 12 -16.25 -8.57 2.17
CA PRO A 12 -16.35 -8.71 3.64
C PRO A 12 -15.44 -9.78 4.23
N ASN A 13 -15.14 -10.82 3.45
CA ASN A 13 -14.30 -11.91 3.94
C ASN A 13 -12.80 -11.63 3.83
N CYS A 14 -12.45 -10.41 3.44
CA CYS A 14 -11.04 -10.02 3.28
C CYS A 14 -10.72 -8.83 4.16
N PRO A 15 -10.52 -9.06 5.47
CA PRO A 15 -10.21 -7.99 6.41
C PRO A 15 -8.96 -7.15 6.14
N THR A 16 -8.00 -7.65 5.36
CA THR A 16 -6.80 -6.84 5.10
C THR A 16 -7.20 -5.57 4.35
N ILE A 17 -8.31 -5.64 3.61
CA ILE A 17 -8.76 -4.47 2.86
C ILE A 17 -9.06 -3.28 3.76
N LYS A 18 -9.45 -3.56 4.99
CA LYS A 18 -9.79 -2.52 5.97
C LYS A 18 -8.58 -2.06 6.80
N GLU A 19 -7.48 -2.79 6.69
CA GLU A 19 -6.28 -2.47 7.46
C GLU A 19 -5.48 -1.27 6.99
N ILE A 20 -4.83 -0.63 7.96
CA ILE A 20 -3.96 0.51 7.69
C ILE A 20 -2.65 0.17 8.41
N ARG A 21 -1.56 0.19 7.66
CA ARG A 21 -0.26 -0.12 8.24
C ARG A 21 0.53 1.15 8.52
N ASP A 22 1.75 0.97 9.04
CA ASP A 22 2.63 2.11 9.35
C ASP A 22 4.02 1.78 8.82
N GLN A 23 4.44 2.52 7.80
CA GLN A 23 5.75 2.31 7.19
C GLN A 23 6.90 2.74 8.10
N GLY A 24 6.56 3.44 9.18
CA GLY A 24 7.58 3.89 10.11
C GLY A 24 8.48 4.97 9.52
N SER A 25 9.64 5.17 10.14
CA SER A 25 10.59 6.18 9.67
C SER A 25 11.45 5.58 8.55
N CYS A 26 10.81 5.35 7.42
CA CYS A 26 11.47 4.74 6.27
C CYS A 26 10.65 5.07 5.02
N GLY A 27 11.32 5.44 3.94
CA GLY A 27 10.61 5.78 2.70
C GLY A 27 10.22 4.54 1.94
N SER A 28 9.45 3.66 2.58
CA SER A 28 9.05 2.41 1.95
C SER A 28 7.61 2.35 1.45
N CYS A 29 6.99 3.50 1.20
CA CYS A 29 5.61 3.50 0.72
C CYS A 29 5.44 2.67 -0.55
N TRP A 30 6.46 2.65 -1.40
CA TRP A 30 6.38 1.86 -2.64
C TRP A 30 6.10 0.40 -2.31
N ALA A 31 6.76 -0.09 -1.28
CA ALA A 31 6.61 -1.48 -0.85
C ALA A 31 5.28 -1.71 -0.15
N PHE A 32 4.87 -0.75 0.67
CA PHE A 32 3.61 -0.89 1.41
C PHE A 32 2.38 -0.90 0.53
N GLY A 33 2.28 0.05 -0.39
CA GLY A 33 1.12 0.08 -1.27
C GLY A 33 1.00 -1.25 -1.99
N ALA A 34 2.13 -1.84 -2.32
CA ALA A 34 2.18 -3.12 -3.02
C ALA A 34 1.71 -4.31 -2.17
N VAL A 35 2.38 -4.55 -1.04
CA VAL A 35 2.01 -5.69 -0.19
C VAL A 35 0.58 -5.58 0.36
N GLU A 36 0.11 -4.37 0.57
CA GLU A 36 -1.25 -4.18 1.06
C GLU A 36 -2.26 -4.64 0.02
N ALA A 37 -2.10 -4.15 -1.21
CA ALA A 37 -2.99 -4.53 -2.30
C ALA A 37 -2.83 -6.00 -2.65
N ILE A 38 -1.60 -6.51 -2.50
CA ILE A 38 -1.36 -7.92 -2.80
C ILE A 38 -2.06 -8.79 -1.77
N SER A 39 -2.02 -8.36 -0.51
CA SER A 39 -2.69 -9.11 0.56
C SER A 39 -4.19 -9.17 0.22
N ASP A 40 -4.76 -8.05 -0.19
CA ASP A 40 -6.18 -7.99 -0.53
C ASP A 40 -6.50 -8.95 -1.68
N ARG A 41 -5.70 -8.88 -2.73
CA ARG A 41 -5.92 -9.72 -3.91
C ARG A 41 -5.73 -11.21 -3.68
N ILE A 42 -4.80 -11.58 -2.81
CA ILE A 42 -4.59 -12.99 -2.51
C ILE A 42 -5.88 -13.51 -1.88
N CYS A 43 -6.48 -12.69 -1.01
CA CYS A 43 -7.73 -13.08 -0.36
C CYS A 43 -8.87 -13.10 -1.36
N ILE A 44 -8.96 -12.06 -2.19
CA ILE A 44 -10.03 -11.97 -3.17
C ILE A 44 -9.98 -13.09 -4.20
N HIS A 45 -8.78 -13.40 -4.69
CA HIS A 45 -8.64 -14.45 -5.69
C HIS A 45 -8.05 -15.76 -5.15
N SER A 46 -8.74 -16.35 -4.18
CA SER A 46 -8.32 -17.60 -3.58
C SER A 46 -9.35 -18.09 -2.58
N ASN A 47 -10.61 -17.78 -2.85
CA ASN A 47 -11.70 -18.20 -1.98
C ASN A 47 -12.24 -19.55 -2.46
N VAL A 50 -7.77 -17.85 0.83
CA VAL A 50 -6.79 -17.81 1.90
C VAL A 50 -6.52 -16.37 2.34
N ASN A 51 -6.23 -16.19 3.62
CA ASN A 51 -5.97 -14.88 4.16
C ASN A 51 -4.52 -14.75 4.62
N VAL A 52 -3.81 -13.78 4.07
CA VAL A 52 -2.40 -13.59 4.42
C VAL A 52 -1.92 -12.14 4.52
N GLU A 53 -1.18 -11.86 5.59
CA GLU A 53 -0.59 -10.54 5.80
C GLU A 53 0.73 -10.60 5.05
N VAL A 54 0.75 -10.08 3.82
CA VAL A 54 1.98 -10.11 3.04
C VAL A 54 3.03 -9.21 3.69
N SER A 55 4.24 -9.74 3.84
CA SER A 55 5.35 -9.05 4.48
C SER A 55 5.92 -7.84 3.76
N ALA A 56 5.76 -6.67 4.37
CA ALA A 56 6.31 -5.46 3.81
C ALA A 56 7.83 -5.58 3.93
N GLU A 57 8.27 -6.25 4.99
CA GLU A 57 9.69 -6.46 5.27
C GLU A 57 10.38 -7.22 4.13
N ASP A 58 9.75 -8.29 3.67
CA ASP A 58 10.32 -9.11 2.60
C ASP A 58 10.49 -8.28 1.33
N MET A 59 9.45 -7.52 0.99
CA MET A 59 9.46 -6.67 -0.20
C MET A 59 10.53 -5.60 -0.08
N LEU A 60 10.45 -4.86 1.03
CA LEU A 60 11.36 -3.76 1.31
C LEU A 60 12.84 -4.15 1.31
N THR A 61 13.17 -5.24 1.98
CA THR A 61 14.56 -5.65 2.11
C THR A 61 15.17 -6.54 1.05
N CYS A 62 14.38 -7.44 0.46
CA CYS A 62 14.92 -8.37 -0.52
C CYS A 62 14.76 -8.10 -2.01
N CYS A 63 13.91 -7.16 -2.40
CA CYS A 63 13.78 -6.93 -3.83
C CYS A 63 15.06 -6.40 -4.47
N GLY A 64 15.70 -5.43 -3.81
CA GLY A 64 16.93 -4.88 -4.35
C GLY A 64 16.74 -3.82 -5.42
N GLY A 65 17.75 -3.62 -6.25
CA GLY A 65 17.71 -2.62 -7.29
C GLY A 65 16.52 -2.63 -8.21
N GLU A 66 15.98 -3.82 -8.49
CA GLU A 66 14.84 -3.93 -9.37
C GLU A 66 13.66 -3.08 -8.88
N CYS A 67 13.59 -2.84 -7.58
CA CYS A 67 12.51 -2.03 -6.99
C CYS A 67 12.95 -0.64 -6.56
N GLY A 68 14.22 -0.32 -6.75
CA GLY A 68 14.66 1.00 -6.35
C GLY A 68 15.72 1.01 -5.27
N ASP A 69 15.47 1.76 -4.20
CA ASP A 69 16.45 1.88 -3.14
C ASP A 69 15.93 1.77 -1.70
N GLY A 70 15.18 0.71 -1.42
CA GLY A 70 14.65 0.49 -0.08
C GLY A 70 13.99 1.66 0.63
N CYS A 71 14.52 2.03 1.80
CA CYS A 71 13.96 3.15 2.56
C CYS A 71 14.20 4.51 1.90
N ASN A 72 14.92 4.48 0.77
CA ASN A 72 15.21 5.71 0.03
C ASN A 72 14.21 5.90 -1.10
N GLY A 73 13.21 5.02 -1.17
CA GLY A 73 12.21 5.13 -2.23
C GLY A 73 12.35 4.02 -3.24
N GLY A 74 11.30 3.79 -4.02
CA GLY A 74 11.34 2.73 -5.00
C GLY A 74 10.33 2.83 -6.12
N PHE A 75 10.22 1.76 -6.90
CA PHE A 75 9.30 1.74 -8.04
C PHE A 75 8.18 0.73 -7.84
N PRO A 76 6.93 1.20 -7.71
CA PRO A 76 5.78 0.33 -7.52
C PRO A 76 5.70 -0.86 -8.48
N SER A 77 5.79 -0.63 -9.78
CA SER A 77 5.74 -1.73 -10.74
C SER A 77 6.84 -2.76 -10.46
N GLY A 78 7.98 -2.27 -9.95
CA GLY A 78 9.07 -3.19 -9.65
C GLY A 78 8.70 -4.11 -8.50
N ALA A 79 7.90 -3.59 -7.56
CA ALA A 79 7.48 -4.39 -6.41
C ALA A 79 6.57 -5.53 -6.82
N TRP A 80 5.63 -5.27 -7.72
CA TRP A 80 4.73 -6.33 -8.18
C TRP A 80 5.51 -7.36 -8.98
N ASN A 81 6.57 -6.92 -9.65
CA ASN A 81 7.42 -7.84 -10.41
C ASN A 81 8.09 -8.82 -9.46
N PHE A 82 8.58 -8.31 -8.33
CA PHE A 82 9.24 -9.13 -7.33
C PHE A 82 8.29 -10.22 -6.86
N TRP A 83 7.03 -9.85 -6.67
CA TRP A 83 6.01 -10.80 -6.22
C TRP A 83 5.88 -11.95 -7.21
N THR A 84 5.99 -11.66 -8.51
CA THR A 84 5.86 -12.71 -9.52
C THR A 84 7.16 -13.49 -9.72
N LYS A 85 8.30 -12.84 -9.47
CA LYS A 85 9.59 -13.51 -9.66
C LYS A 85 10.10 -14.30 -8.45
N LYS A 86 10.11 -13.64 -7.29
CA LYS A 86 10.60 -14.26 -6.07
C LYS A 86 9.49 -14.60 -5.07
N GLY A 87 8.32 -14.01 -5.27
CA GLY A 87 7.23 -14.27 -4.35
C GLY A 87 7.45 -13.49 -3.07
N LEU A 88 6.46 -13.52 -2.17
CA LEU A 88 6.54 -12.81 -0.91
C LEU A 88 6.08 -13.69 0.26
N VAL A 89 6.80 -13.66 1.37
CA VAL A 89 6.40 -14.44 2.53
C VAL A 89 5.41 -13.61 3.36
N SER A 90 4.84 -14.23 4.39
CA SER A 90 3.90 -13.52 5.25
C SER A 90 4.67 -12.69 6.27
N GLY A 91 3.99 -11.72 6.88
CA GLY A 91 4.64 -10.88 7.87
C GLY A 91 3.71 -9.77 8.32
N GLY A 92 3.42 -9.72 9.61
CA GLY A 92 2.52 -8.71 10.14
C GLY A 92 3.17 -7.41 10.61
N LEU A 93 2.43 -6.70 11.47
CA LEU A 93 2.88 -5.42 12.00
C LEU A 93 4.09 -5.55 12.93
N TYR A 94 4.73 -4.42 13.19
CA TYR A 94 5.90 -4.37 14.06
C TYR A 94 5.54 -4.96 15.43
N ASN A 95 6.38 -5.87 15.92
CA ASN A 95 6.19 -6.52 17.22
C ASN A 95 4.95 -7.39 17.32
N SER A 96 4.35 -7.75 16.20
CA SER A 96 3.14 -8.58 16.21
C SER A 96 3.49 -10.07 16.31
N HIS A 97 4.69 -10.42 15.84
CA HIS A 97 5.15 -11.80 15.81
C HIS A 97 4.25 -12.63 14.90
N VAL A 98 3.56 -11.95 13.99
CA VAL A 98 2.67 -12.61 13.04
C VAL A 98 3.38 -12.87 11.71
N GLY A 99 3.35 -14.12 11.25
CA GLY A 99 3.96 -14.45 9.98
C GLY A 99 5.46 -14.66 9.99
N CYS A 100 6.00 -15.00 8.82
CA CYS A 100 7.42 -15.26 8.64
C CYS A 100 8.32 -14.07 8.94
N ARG A 101 8.01 -12.92 8.35
CA ARG A 101 8.83 -11.74 8.57
C ARG A 101 8.04 -10.47 8.89
N PRO A 102 7.72 -10.27 10.18
CA PRO A 102 6.97 -9.08 10.63
C PRO A 102 7.80 -7.83 10.35
N TYR A 103 7.16 -6.68 10.22
CA TYR A 103 7.88 -5.43 9.94
C TYR A 103 8.83 -5.11 11.09
N SER A 104 10.07 -4.74 10.76
CA SER A 104 11.08 -4.45 11.78
C SER A 104 11.25 -2.99 12.16
N ILE A 105 10.54 -2.10 11.47
CA ILE A 105 10.64 -0.68 11.75
C ILE A 105 9.44 -0.22 12.57
N PRO A 106 9.71 0.33 13.78
CA PRO A 106 8.70 0.82 14.73
C PRO A 106 7.72 1.85 14.18
N PRO A 107 6.45 1.77 14.65
CA PRO A 107 5.45 2.73 14.19
C PRO A 107 5.78 4.09 14.81
N CYS A 108 5.32 5.17 14.18
CA CYS A 108 5.62 6.51 14.68
C CYS A 108 4.51 7.49 14.30
N GLU A 109 4.61 8.71 14.80
CA GLU A 109 3.61 9.74 14.51
C GLU A 109 3.95 10.48 13.23
N HIS A 110 3.07 10.35 12.23
CA HIS A 110 3.28 10.99 10.94
C HIS A 110 2.52 12.32 10.88
N HIS A 111 3.22 13.42 11.10
CA HIS A 111 2.64 14.76 11.05
C HIS A 111 1.41 14.96 11.94
N VAL A 112 1.40 14.28 13.07
CA VAL A 112 0.31 14.38 14.05
C VAL A 112 0.94 14.13 15.42
N ASN A 113 0.26 14.58 16.47
CA ASN A 113 0.77 14.34 17.81
C ASN A 113 0.13 13.06 18.33
N GLY A 114 0.86 12.34 19.16
CA GLY A 114 0.32 11.09 19.69
C GLY A 114 1.23 10.49 20.74
N SER A 115 0.94 9.26 21.14
CA SER A 115 1.72 8.56 22.16
C SER A 115 2.99 7.93 21.61
N ARG A 116 3.07 7.80 20.29
CA ARG A 116 4.25 7.20 19.66
C ARG A 116 5.32 8.25 19.39
N PRO A 117 6.58 7.81 19.21
CA PRO A 117 7.65 8.77 18.95
C PRO A 117 7.38 9.41 17.60
N PRO A 118 7.79 10.67 17.41
CA PRO A 118 7.56 11.30 16.11
C PRO A 118 8.42 10.63 15.06
N CYS A 119 7.90 10.51 13.85
CA CYS A 119 8.66 9.90 12.77
C CYS A 119 9.86 10.76 12.42
N THR A 120 10.94 10.11 11.99
CA THR A 120 12.15 10.81 11.58
C THR A 120 12.42 10.43 10.13
N GLY A 121 13.15 11.29 9.42
CA GLY A 121 13.45 11.01 8.03
C GLY A 121 14.46 9.90 7.88
N GLU A 122 15.47 9.90 8.76
CA GLU A 122 16.52 8.90 8.71
C GLU A 122 16.08 7.51 9.17
N GLY A 123 16.18 6.56 8.24
CA GLY A 123 15.81 5.18 8.51
C GLY A 123 16.52 4.33 7.48
N ASP A 124 17.36 3.39 7.93
CA ASP A 124 18.09 2.55 7.00
C ASP A 124 17.31 1.30 6.61
N THR A 125 17.53 0.86 5.38
CA THR A 125 16.85 -0.33 4.88
C THR A 125 17.38 -1.53 5.66
N PRO A 126 16.47 -2.32 6.25
CA PRO A 126 16.90 -3.50 7.00
C PRO A 126 17.50 -4.54 6.07
N LYS A 127 18.23 -5.50 6.63
CA LYS A 127 18.85 -6.56 5.86
C LYS A 127 17.83 -7.51 5.24
N CYS A 128 18.22 -8.12 4.12
CA CYS A 128 17.38 -9.11 3.47
C CYS A 128 17.78 -10.44 4.11
N SER A 129 16.96 -10.91 5.03
CA SER A 129 17.20 -12.18 5.72
C SER A 129 16.18 -13.18 5.22
N LYS A 130 16.65 -14.24 4.57
CA LYS A 130 15.75 -15.25 4.04
C LYS A 130 15.44 -16.35 5.06
N THR A 131 14.93 -15.91 6.20
CA THR A 131 14.56 -16.79 7.30
C THR A 131 13.30 -16.23 7.96
N CYS A 132 12.59 -17.07 8.71
CA CYS A 132 11.39 -16.62 9.39
C CYS A 132 11.67 -16.43 10.87
N GLU A 133 10.80 -15.69 11.55
CA GLU A 133 10.97 -15.45 12.97
C GLU A 133 10.98 -16.80 13.68
N PRO A 134 11.63 -16.88 14.84
CA PRO A 134 11.65 -18.17 15.55
C PRO A 134 10.26 -18.64 15.93
N GLY A 135 10.00 -19.93 15.77
CA GLY A 135 8.70 -20.47 16.11
C GLY A 135 7.73 -20.59 14.95
N TYR A 136 7.97 -19.82 13.89
CA TYR A 136 7.09 -19.86 12.72
C TYR A 136 7.37 -21.00 11.74
N SER A 137 6.30 -21.53 11.18
CA SER A 137 6.37 -22.61 10.18
C SER A 137 5.40 -22.21 9.08
N PRO A 138 5.71 -22.56 7.82
CA PRO A 138 6.88 -23.30 7.35
C PRO A 138 8.13 -22.43 7.19
N SER A 139 9.11 -22.97 6.47
CA SER A 139 10.35 -22.26 6.21
C SER A 139 10.10 -21.04 5.33
N TYR A 140 11.12 -20.18 5.24
CA TYR A 140 11.04 -18.98 4.42
C TYR A 140 10.65 -19.32 2.99
N LYS A 141 11.35 -20.29 2.40
CA LYS A 141 11.08 -20.72 1.03
C LYS A 141 9.66 -21.24 0.84
N GLU A 142 9.20 -22.06 1.78
CA GLU A 142 7.87 -22.64 1.71
C GLU A 142 6.76 -21.62 1.98
N ASP A 143 7.10 -20.49 2.59
CA ASP A 143 6.09 -19.50 2.92
C ASP A 143 5.89 -18.44 1.83
N LYS A 144 6.60 -18.59 0.71
CA LYS A 144 6.49 -17.64 -0.39
C LYS A 144 5.15 -17.75 -1.15
N HIS A 145 4.56 -16.59 -1.43
CA HIS A 145 3.31 -16.52 -2.18
C HIS A 145 3.67 -15.81 -3.48
N PHE A 146 3.39 -16.43 -4.61
CA PHE A 146 3.73 -15.83 -5.89
C PHE A 146 2.60 -15.20 -6.67
N GLY A 147 2.95 -14.18 -7.42
CA GLY A 147 1.99 -13.50 -8.27
C GLY A 147 2.21 -14.15 -9.63
N CYS A 148 1.18 -14.21 -10.46
CA CYS A 148 1.34 -14.80 -11.77
C CYS A 148 1.27 -13.78 -12.90
N SER A 149 1.12 -12.51 -12.54
CA SER A 149 1.09 -11.43 -13.52
C SER A 149 1.34 -10.11 -12.81
N SER A 150 1.99 -9.19 -13.51
CA SER A 150 2.31 -7.86 -13.00
C SER A 150 2.09 -6.92 -14.17
N TYR A 151 1.16 -5.99 -14.02
CA TYR A 151 0.86 -5.05 -15.10
C TYR A 151 0.61 -3.62 -14.67
N SER A 152 0.51 -2.72 -15.64
CA SER A 152 0.29 -1.31 -15.37
C SER A 152 -1.03 -0.87 -15.99
N VAL A 153 -1.91 -0.31 -15.17
CA VAL A 153 -3.20 0.16 -15.65
C VAL A 153 -3.04 1.56 -16.23
N ALA A 154 -3.66 1.78 -17.39
CA ALA A 154 -3.58 3.06 -18.07
C ALA A 154 -4.11 4.23 -17.25
N ASN A 155 -3.64 5.42 -17.58
CA ASN A 155 -4.05 6.66 -16.92
C ASN A 155 -5.45 6.93 -17.47
N ASN A 156 -6.41 6.12 -17.06
CA ASN A 156 -7.78 6.24 -17.53
C ASN A 156 -8.73 5.90 -16.39
N GLU A 157 -9.44 6.92 -15.91
CA GLU A 157 -10.38 6.78 -14.80
C GLU A 157 -11.27 5.53 -14.89
N LYS A 158 -11.92 5.36 -16.03
CA LYS A 158 -12.80 4.22 -16.22
C LYS A 158 -12.09 2.88 -16.16
N GLU A 159 -10.93 2.79 -16.81
CA GLU A 159 -10.17 1.55 -16.78
C GLU A 159 -9.69 1.23 -15.36
N ILE A 160 -9.34 2.26 -14.60
CA ILE A 160 -8.88 2.07 -13.23
C ILE A 160 -10.04 1.58 -12.36
N MET A 161 -11.20 2.20 -12.52
CA MET A 161 -12.38 1.81 -11.76
C MET A 161 -12.76 0.36 -12.09
N ALA A 162 -12.71 0.02 -13.37
CA ALA A 162 -13.03 -1.33 -13.81
C ALA A 162 -12.09 -2.37 -13.23
N GLU A 163 -10.80 -2.03 -13.16
CA GLU A 163 -9.79 -2.93 -12.61
C GLU A 163 -10.06 -3.21 -11.14
N ILE A 164 -10.35 -2.16 -10.38
CA ILE A 164 -10.64 -2.29 -8.95
C ILE A 164 -11.93 -3.09 -8.78
N TYR A 165 -12.94 -2.70 -9.54
CA TYR A 165 -14.26 -3.34 -9.49
C TYR A 165 -14.16 -4.85 -9.69
N LYS A 166 -13.35 -5.27 -10.65
CA LYS A 166 -13.21 -6.68 -10.96
C LYS A 166 -12.15 -7.43 -10.17
N ASN A 167 -10.96 -6.85 -10.05
CA ASN A 167 -9.86 -7.53 -9.38
C ASN A 167 -9.41 -7.06 -8.01
N GLY A 168 -9.99 -5.98 -7.50
CA GLY A 168 -9.61 -5.53 -6.18
C GLY A 168 -8.71 -4.31 -6.14
N PRO A 169 -8.32 -3.85 -4.95
CA PRO A 169 -7.46 -2.67 -4.76
C PRO A 169 -6.18 -2.73 -5.58
N VAL A 170 -5.73 -1.56 -6.01
CA VAL A 170 -4.50 -1.45 -6.80
C VAL A 170 -3.56 -0.49 -6.08
N GLU A 171 -2.32 -0.43 -6.56
CA GLU A 171 -1.36 0.51 -5.97
C GLU A 171 -1.24 1.68 -6.92
N GLY A 172 -1.06 2.86 -6.35
CA GLY A 172 -0.92 4.06 -7.16
C GLY A 172 0.08 4.99 -6.50
N ALA A 173 0.29 6.16 -7.09
CA ALA A 173 1.22 7.12 -6.53
C ALA A 173 0.85 8.52 -6.97
N PHE A 174 1.14 9.51 -6.13
CA PHE A 174 0.85 10.89 -6.45
C PHE A 174 1.88 11.81 -5.82
N SER A 175 1.93 13.05 -6.31
CA SER A 175 2.87 14.03 -5.81
C SER A 175 2.34 14.63 -4.52
N VAL A 176 3.11 14.52 -3.45
CA VAL A 176 2.68 15.06 -2.17
C VAL A 176 3.22 16.48 -1.97
N TYR A 177 2.29 17.40 -1.67
CA TYR A 177 2.64 18.78 -1.39
C TYR A 177 2.32 18.92 0.09
N SER A 178 2.97 19.85 0.78
CA SER A 178 2.78 20.01 2.22
C SER A 178 1.35 20.13 2.73
N ASP A 179 0.43 20.69 1.93
CA ASP A 179 -0.94 20.82 2.44
C ASP A 179 -1.62 19.47 2.64
N PHE A 180 -1.11 18.43 1.98
CA PHE A 180 -1.67 17.09 2.13
C PHE A 180 -1.35 16.51 3.50
N LEU A 181 -0.21 16.91 4.04
CA LEU A 181 0.25 16.41 5.34
C LEU A 181 -0.77 16.60 6.47
N LEU A 182 -1.55 17.66 6.40
CA LEU A 182 -2.53 17.98 7.43
C LEU A 182 -3.95 17.49 7.14
N TYR A 183 -4.11 16.70 6.09
CA TYR A 183 -5.43 16.19 5.72
C TYR A 183 -6.12 15.53 6.91
N LYS A 184 -7.43 15.79 7.04
CA LYS A 184 -8.23 15.21 8.12
C LYS A 184 -9.51 14.58 7.56
N SER A 185 -10.13 15.24 6.59
CA SER A 185 -11.36 14.75 6.00
C SER A 185 -11.69 15.46 4.69
N GLY A 186 -12.81 15.06 4.08
CA GLY A 186 -13.22 15.66 2.82
C GLY A 186 -12.43 15.13 1.66
N VAL A 187 -12.61 15.73 0.49
CA VAL A 187 -11.89 15.32 -0.71
C VAL A 187 -10.68 16.23 -0.90
N TYR A 188 -9.49 15.66 -0.78
CA TYR A 188 -8.28 16.45 -0.92
C TYR A 188 -8.05 16.99 -2.32
N GLN A 189 -7.71 18.26 -2.37
CA GLN A 189 -7.37 18.96 -3.59
C GLN A 189 -6.20 19.88 -3.24
N HIS A 190 -5.10 19.73 -3.97
CA HIS A 190 -3.90 20.51 -3.74
C HIS A 190 -4.05 21.99 -4.07
N VAL A 191 -3.80 22.85 -3.07
CA VAL A 191 -3.91 24.29 -3.29
C VAL A 191 -2.63 25.03 -2.89
N SER A 192 -1.86 24.46 -1.97
CA SER A 192 -0.63 25.13 -1.54
C SER A 192 0.41 24.18 -0.94
N GLY A 193 1.62 24.71 -0.74
CA GLY A 193 2.67 23.90 -0.14
C GLY A 193 3.75 23.41 -1.07
N GLU A 194 4.98 23.35 -0.56
CA GLU A 194 6.12 22.89 -1.33
C GLU A 194 5.99 21.40 -1.63
N ILE A 195 6.51 20.98 -2.77
CA ILE A 195 6.45 19.58 -3.17
C ILE A 195 7.34 18.77 -2.23
N MET A 196 6.80 17.67 -1.73
CA MET A 196 7.52 16.79 -0.81
C MET A 196 8.14 15.61 -1.54
N GLY A 197 7.50 15.21 -2.64
CA GLY A 197 7.99 14.07 -3.42
C GLY A 197 6.86 13.12 -3.73
N GLY A 198 7.17 12.04 -4.45
CA GLY A 198 6.17 11.06 -4.80
C GLY A 198 5.80 10.18 -3.62
N HIS A 199 4.54 9.74 -3.57
CA HIS A 199 4.11 8.89 -2.47
C HIS A 199 3.19 7.78 -2.99
N ALA A 200 3.61 6.54 -2.77
CA ALA A 200 2.84 5.38 -3.22
C ALA A 200 1.78 5.03 -2.18
N ILE A 201 0.58 4.70 -2.65
CA ILE A 201 -0.53 4.35 -1.77
C ILE A 201 -1.40 3.23 -2.35
N ARG A 202 -2.46 2.90 -1.63
CA ARG A 202 -3.38 1.86 -2.05
C ARG A 202 -4.78 2.42 -2.32
N ILE A 203 -5.25 2.27 -3.55
CA ILE A 203 -6.58 2.76 -3.94
C ILE A 203 -7.56 1.60 -3.86
N LEU A 204 -8.56 1.72 -2.99
CA LEU A 204 -9.53 0.64 -2.80
C LEU A 204 -10.98 0.96 -3.13
N GLY A 205 -11.21 2.09 -3.81
CA GLY A 205 -12.58 2.44 -4.14
C GLY A 205 -12.75 3.85 -4.64
N TRP A 206 -13.99 4.29 -4.73
CA TRP A 206 -14.29 5.63 -5.22
C TRP A 206 -15.71 6.01 -4.82
N GLY A 207 -16.02 7.29 -4.96
CA GLY A 207 -17.34 7.78 -4.63
C GLY A 207 -17.47 9.23 -5.00
N VAL A 208 -18.51 9.88 -4.47
CA VAL A 208 -18.76 11.29 -4.73
C VAL A 208 -19.15 11.95 -3.42
N GLU A 209 -18.48 13.04 -3.07
CA GLU A 209 -18.78 13.76 -1.85
C GLU A 209 -19.07 15.21 -2.19
N ASN A 210 -20.30 15.63 -1.96
CA ASN A 210 -20.72 17.00 -2.25
C ASN A 210 -20.45 17.35 -3.71
N GLY A 211 -20.80 16.44 -4.61
CA GLY A 211 -20.59 16.65 -6.03
C GLY A 211 -19.16 16.52 -6.50
N THR A 212 -18.26 16.18 -5.60
CA THR A 212 -16.85 16.03 -5.95
C THR A 212 -16.45 14.56 -6.02
N PRO A 213 -16.13 14.07 -7.22
CA PRO A 213 -15.72 12.66 -7.39
C PRO A 213 -14.38 12.43 -6.72
N TYR A 214 -14.20 11.28 -6.10
CA TYR A 214 -12.95 11.00 -5.42
C TYR A 214 -12.54 9.55 -5.44
N TRP A 215 -11.30 9.29 -5.04
CA TRP A 215 -10.75 7.95 -4.94
C TRP A 215 -10.65 7.68 -3.44
N LEU A 216 -11.01 6.47 -3.02
CA LEU A 216 -10.91 6.08 -1.61
C LEU A 216 -9.50 5.52 -1.50
N VAL A 217 -8.68 6.13 -0.65
CA VAL A 217 -7.29 5.70 -0.54
C VAL A 217 -6.80 5.36 0.87
N GLY A 218 -5.99 4.33 0.97
CA GLY A 218 -5.42 3.93 2.25
C GLY A 218 -3.96 4.35 2.31
N ASN A 219 -3.61 5.15 3.30
CA ASN A 219 -2.23 5.63 3.46
C ASN A 219 -1.51 4.65 4.39
N SER A 220 -0.19 4.78 4.51
CA SER A 220 0.58 3.91 5.38
C SER A 220 1.25 4.69 6.50
N TRP A 221 0.49 5.61 7.10
CA TRP A 221 0.99 6.45 8.19
C TRP A 221 0.21 6.20 9.48
N ASN A 222 -0.24 4.98 9.67
CA ASN A 222 -0.99 4.57 10.85
C ASN A 222 -2.41 5.14 10.86
N THR A 223 -3.20 4.71 11.85
CA THR A 223 -4.59 5.13 11.96
C THR A 223 -4.88 6.51 12.55
N ASP A 224 -3.90 7.15 13.18
CA ASP A 224 -4.16 8.47 13.76
C ASP A 224 -3.85 9.64 12.81
N TRP A 225 -3.48 9.31 11.58
CA TRP A 225 -3.24 10.35 10.57
C TRP A 225 -4.46 10.33 9.66
N GLY A 226 -4.81 11.50 9.12
CA GLY A 226 -5.96 11.58 8.22
C GLY A 226 -7.28 11.10 8.79
N ASP A 227 -8.05 10.43 7.94
CA ASP A 227 -9.37 9.90 8.34
C ASP A 227 -9.20 8.43 8.71
N ASN A 228 -8.76 8.18 9.94
CA ASN A 228 -8.53 6.81 10.41
C ASN A 228 -7.51 6.11 9.51
N GLY A 229 -6.56 6.88 8.99
CA GLY A 229 -5.54 6.30 8.14
C GLY A 229 -5.83 6.40 6.65
N PHE A 230 -7.10 6.64 6.31
CA PHE A 230 -7.51 6.78 4.91
C PHE A 230 -7.67 8.24 4.53
N PHE A 231 -7.84 8.47 3.23
CA PHE A 231 -8.09 9.82 2.73
C PHE A 231 -8.78 9.69 1.39
N LYS A 232 -9.41 10.79 0.97
CA LYS A 232 -10.09 10.82 -0.32
C LYS A 232 -9.38 11.90 -1.12
N ILE A 233 -9.19 11.65 -2.41
CA ILE A 233 -8.53 12.61 -3.27
C ILE A 233 -9.31 12.76 -4.57
N LEU A 234 -9.30 13.97 -5.13
CA LEU A 234 -10.01 14.27 -6.36
C LEU A 234 -9.77 13.22 -7.45
N ARG A 235 -10.86 12.76 -8.05
CA ARG A 235 -10.81 11.74 -9.10
C ARG A 235 -11.26 12.27 -10.45
N GLY A 236 -10.63 11.78 -11.52
CA GLY A 236 -11.00 12.18 -12.86
C GLY A 236 -10.16 13.21 -13.57
N GLN A 237 -9.23 13.85 -12.87
CA GLN A 237 -8.40 14.88 -13.47
C GLN A 237 -6.91 14.61 -13.30
N ASP A 238 -6.57 13.36 -13.00
CA ASP A 238 -5.19 12.95 -12.76
C ASP A 238 -4.55 13.96 -11.82
N HIS A 239 -5.31 14.32 -10.79
CA HIS A 239 -4.88 15.28 -9.79
C HIS A 239 -3.63 14.80 -9.05
N CYS A 240 -2.57 15.60 -9.10
CA CYS A 240 -1.32 15.25 -8.44
C CYS A 240 -0.78 13.94 -9.03
N GLY A 241 -1.31 13.57 -10.19
CA GLY A 241 -0.88 12.35 -10.86
C GLY A 241 -1.42 11.08 -10.25
N ILE A 242 -2.51 11.19 -9.49
CA ILE A 242 -3.12 10.05 -8.82
C ILE A 242 -3.52 8.91 -9.76
N GLU A 243 -3.76 9.23 -11.03
CA GLU A 243 -4.16 8.23 -12.01
C GLU A 243 -3.03 7.85 -12.97
N SER A 244 -1.86 8.44 -12.79
CA SER A 244 -0.73 8.22 -13.71
C SER A 244 0.24 7.08 -13.47
N GLU A 245 0.15 6.42 -12.31
CA GLU A 245 1.09 5.35 -11.99
C GLU A 245 0.40 4.17 -11.31
N ILE A 246 -0.72 3.73 -11.87
CA ILE A 246 -1.46 2.61 -11.31
C ILE A 246 -0.85 1.28 -11.72
N VAL A 247 -0.64 0.41 -10.76
CA VAL A 247 -0.07 -0.91 -11.03
C VAL A 247 -0.79 -1.97 -10.22
N ALA A 248 -0.81 -3.19 -10.75
CA ALA A 248 -1.47 -4.29 -10.07
C ALA A 248 -0.94 -5.61 -10.60
N GLY A 249 -1.63 -6.69 -10.27
CA GLY A 249 -1.22 -8.01 -10.70
C GLY A 249 -2.17 -9.03 -10.12
N MET A 250 -2.06 -10.26 -10.60
CA MET A 250 -2.93 -11.34 -10.14
C MET A 250 -2.14 -12.47 -9.50
N PRO A 251 -2.66 -13.03 -8.40
CA PRO A 251 -1.98 -14.13 -7.72
C PRO A 251 -2.05 -15.42 -8.52
N CYS A 252 -1.06 -16.29 -8.34
CA CYS A 252 -1.05 -17.57 -9.05
C CYS A 252 -2.20 -18.45 -8.58
N THR A 253 -2.64 -19.34 -9.47
CA THR A 253 -3.73 -20.27 -9.21
C THR A 253 -4.87 -19.61 -8.44
#